data_8OLY
#
_entry.id   8OLY
#
_cell.length_a   88.518
_cell.length_b   94.686
_cell.length_c   222.874
_cell.angle_alpha   90.00
_cell.angle_beta   90.00
_cell.angle_gamma   90.00
#
_symmetry.space_group_name_H-M   'P 21 21 21'
#
loop_
_entity.id
_entity.type
_entity.pdbx_description
1 polymer 'Group IIC intron'
2 polymer "5'-exon"
3 non-polymer 'MAGNESIUM ION'
4 non-polymer 'POTASSIUM ION'
5 non-polymer '4-(2-HYDROXYETHYL)-1-PIPERAZINE ETHANESULFONIC ACID'
6 non-polymer SPERMINE
7 water water
#
loop_
_entity_poly.entity_id
_entity_poly.type
_entity_poly.pdbx_seq_one_letter_code
_entity_poly.pdbx_strand_id
1 'polyribonucleotide'
;GUGUGCCCGGCAUGGGUGCAGUCUAUAGGGUGAGAGUCCCGAACUGUGAAGGCAGAAGUAACAGUUAGCCUAACGCAAGG
GUGUCCGUGGCGACAUGGAAUCUGAAGGAAGCGGACGGCAAACCUUCGGUCUGAGGAACACGAACUUCAUAUGAGGCUAG
GUAUCAAUGGAUGAGUUUGCAUAACAAAACAAAGUCCUUUCUGCCAAAGUUGGUACAGAGUAAAUGAAGCAGAUUGAUGA
AGGGAAAGACUGCAUUCUUACCCGGGGAGGUCUGGAAACAGAAGUCAGCAGAAGUCAUAGUACCCUGUUCGCAGGGGAAG
GACGGAACAAGUAUGGCGUUCGCGCCUAAGCUUGAACCGCCGUAUACCGAACGGUACGUACGGUGGUGUGG
;
A
2 'polyribonucleotide' GUUAU B
#
loop_
_chem_comp.id
_chem_comp.type
_chem_comp.name
_chem_comp.formula
A RNA linking ADENOSINE-5'-MONOPHOSPHATE 'C10 H14 N5 O7 P'
C RNA linking CYTIDINE-5'-MONOPHOSPHATE 'C9 H14 N3 O8 P'
EPE non-polymer '4-(2-HYDROXYETHYL)-1-PIPERAZINE ETHANESULFONIC ACID' 'C8 H18 N2 O4 S'
G RNA linking GUANOSINE-5'-MONOPHOSPHATE 'C10 H14 N5 O8 P'
K non-polymer 'POTASSIUM ION' 'K 1'
MG non-polymer 'MAGNESIUM ION' 'Mg 2'
SPM non-polymer SPERMINE 'C10 H26 N4'
U RNA linking URIDINE-5'-MONOPHOSPHATE 'C9 H13 N2 O9 P'
#
# COMPACT_ATOMS: atom_id res chain seq x y z
MG MG C . -10.53 -5.81 26.90
MG MG D . -21.53 -12.49 21.21
MG MG E . -5.80 -16.13 36.04
MG MG F . -0.35 -14.05 21.04
MG MG G . 0.59 -6.06 21.68
MG MG H . 15.47 8.77 -15.55
MG MG I . -20.08 -25.58 38.28
MG MG J . 10.62 22.17 -14.45
MG MG K . -12.78 -6.94 5.81
MG MG L . 2.61 -6.15 16.62
MG MG M . 10.87 4.48 1.05
MG MG N . 0.89 13.35 9.49
MG MG O . -17.18 -1.32 3.32
MG MG P . 4.99 -1.90 32.31
MG MG Q . 4.88 2.24 -19.90
MG MG R . -33.41 -16.70 10.37
MG MG S . -4.58 12.61 31.11
MG MG T . -13.16 -20.64 14.47
MG MG U . 15.58 27.57 8.15
MG MG V . 4.94 5.60 13.80
MG MG W . 4.99 1.32 -14.37
MG MG X . 9.36 16.95 36.27
MG MG Y . -26.48 -15.93 17.72
MG MG Z . -15.65 -17.21 37.18
MG MG AA . -5.37 -19.62 28.04
K K BA . -25.89 -24.47 9.64
MG MG CA . -35.62 -24.35 13.49
MG MG DA . 12.97 -15.65 39.68
MG MG EA . 14.09 2.28 -1.22
MG MG FA . -6.89 -28.28 0.49
MG MG GA . -8.85 -5.30 23.98
K K HA . -13.58 -7.82 15.72
K K IA . -48.66 -26.39 27.57
K K JA . 17.09 3.79 -22.13
K K KA . -28.66 -4.43 3.50
K K LA . -21.87 -22.84 7.07
K K MA . 21.69 17.04 6.12
K K NA . -44.17 -9.57 8.85
K K OA . -16.02 -7.67 19.65
K K PA . 34.21 -6.91 -22.50
K K QA . -9.12 -8.95 27.82
K K RA . -4.21 -21.68 52.29
K K SA . -54.37 -14.94 10.41
K K TA . -20.11 -30.59 24.24
K K UA . -1.44 -21.92 -6.12
K K VA . -33.36 -29.81 22.24
C10 EPE WA . -10.69 -4.59 -5.90
S EPE WA . -9.86 -3.18 -6.58
O1S EPE WA . -9.80 -2.21 -5.53
O2S EPE WA . -8.43 -3.68 -6.90
O3S EPE WA . -10.53 -2.83 -7.80
K K XA . -44.96 -27.91 26.16
C10 EPE YA . -0.94 8.00 -11.09
S EPE YA . -0.52 7.40 -9.47
O1S EPE YA . -0.29 8.56 -8.65
O2S EPE YA . -1.81 6.66 -9.03
O3S EPE YA . 0.53 6.43 -9.63
K K ZA . -11.90 -26.24 7.76
K K AB . 9.02 24.02 -15.95
N1 SPM BB . 7.91 32.30 -3.37
C2 SPM BB . 7.88 31.15 -4.28
C3 SPM BB . 6.54 30.94 -4.91
C4 SPM BB . 6.38 29.56 -5.49
N5 SPM BB . 4.97 29.23 -5.73
C6 SPM BB . 4.49 27.91 -5.33
C7 SPM BB . 3.98 27.07 -6.49
C8 SPM BB . 2.70 27.61 -7.13
C9 SPM BB . 2.04 26.62 -8.08
N10 SPM BB . 2.91 26.25 -9.22
C11 SPM BB . 2.22 25.82 -10.43
C12 SPM BB . 2.54 26.69 -11.65
C13 SPM BB . 2.68 28.17 -11.37
N14 SPM BB . 2.40 28.97 -12.57
N1 SPM CB . 22.34 -0.38 -25.32
C2 SPM CB . 21.79 -1.55 -26.01
C3 SPM CB . 22.88 -2.47 -26.50
C4 SPM CB . 22.77 -2.87 -27.96
N5 SPM CB . 23.01 -1.73 -28.85
C6 SPM CB . 24.35 -1.64 -29.45
C7 SPM CB . 24.41 -2.25 -30.84
C8 SPM CB . 25.34 -3.44 -30.93
C9 SPM CB . 26.58 -3.16 -31.76
N10 SPM CB . 27.80 -3.63 -31.11
C11 SPM CB . 29.01 -3.24 -31.83
C12 SPM CB . 29.90 -2.36 -30.98
C13 SPM CB . 31.35 -2.61 -31.19
N14 SPM CB . 32.08 -2.68 -29.91
N1 EPE DB . 25.87 3.32 -7.93
C2 EPE DB . 25.17 3.29 -9.23
C3 EPE DB . 25.99 3.96 -10.30
N4 EPE DB . 27.41 3.61 -10.17
C5 EPE DB . 27.51 2.32 -9.46
C6 EPE DB . 27.06 2.45 -8.03
C9 EPE DB . 24.97 2.95 -6.81
C10 EPE DB . 25.61 2.27 -5.60
S EPE DB . 24.38 1.77 -4.41
O1S EPE DB . 23.68 2.95 -4.01
O2S EPE DB . 25.05 1.02 -3.38
O3S EPE DB . 23.47 0.77 -5.17
S EPE EB . -38.13 -8.34 7.77
O1S EPE EB . -39.21 -7.62 7.15
O2S EPE EB . -36.96 -8.60 6.97
O3S EPE EB . -38.64 -9.60 8.54
S EPE FB . -25.83 2.26 1.86
O1S EPE FB . -25.59 3.43 2.66
O2S EPE FB . -26.46 1.12 2.46
O3S EPE FB . -24.55 1.90 1.06
#